data_5C8G
#
_entry.id   5C8G
#
_cell.length_a   53.092
_cell.length_b   53.092
_cell.length_c   103.424
_cell.angle_alpha   90.000
_cell.angle_beta   90.000
_cell.angle_gamma   90.000
#
_symmetry.space_group_name_H-M   'P 41'
#
loop_
_entity.id
_entity.type
_entity.pdbx_description
1 polymer PP-BRD20
2 non-polymer 4-{[(7R)-8-cyclopentyl-7-ethyl-5-methyl-6-oxo-5,6,7,8-tetrahydropteridin-2-yl]amino}-3-methoxy-N-(1-methylpiperidin-4-yl)benzamide
3 non-polymer 'UNKNOWN ATOM OR ION'
4 water water
#
_entity_poly.entity_id   1
_entity_poly.type   'polypeptide(L)'
_entity_poly.pdbx_seq_one_letter_code
;HPLPLPKNKHVFHSDQRLAPEIRDLYDCLYKLYAEESASEYFREPVDALRVGAWNYYSVITEPMSLRTVLDYIVQGGRYS
HVEQIMNDVELIWKNCERYNGAESHLAADARRCRAILEKHRERLADEQTAPAAEVD
;
_entity_poly.pdbx_strand_id   A,B
#
loop_
_chem_comp.id
_chem_comp.type
_chem_comp.name
_chem_comp.formula
R78 non-polymer 4-{[(7R)-8-cyclopentyl-7-ethyl-5-methyl-6-oxo-5,6,7,8-tetrahydropteridin-2-yl]amino}-3-methoxy-N-(1-methylpiperidin-4-yl)benzamide 'C28 H39 N7 O3'
UNX non-polymer 'UNKNOWN ATOM OR ION' ?
#
# COMPACT_ATOMS: atom_id res chain seq x y z
N LEU A 5 15.94 -5.82 8.82
CA LEU A 5 15.47 -6.79 7.84
C LEU A 5 14.86 -8.03 8.51
N PRO A 6 13.68 -8.46 8.03
CA PRO A 6 12.91 -9.54 8.65
C PRO A 6 13.69 -10.85 8.72
N LYS A 7 13.55 -11.57 9.83
CA LYS A 7 14.36 -12.75 10.08
C LYS A 7 13.73 -14.01 9.48
N ASN A 8 14.56 -15.01 9.23
CA ASN A 8 14.09 -16.28 8.67
C ASN A 8 13.29 -16.08 7.39
N LYS A 9 12.45 -17.05 7.04
CA LYS A 9 11.75 -16.97 5.77
C LYS A 9 10.26 -16.71 5.99
N HIS A 10 9.60 -16.14 4.99
CA HIS A 10 8.17 -15.90 5.07
C HIS A 10 7.47 -17.24 5.19
N VAL A 11 6.63 -17.38 6.21
CA VAL A 11 5.88 -18.63 6.38
C VAL A 11 4.61 -18.63 5.53
N PHE A 12 4.45 -19.67 4.72
CA PHE A 12 3.27 -19.77 3.85
C PHE A 12 1.98 -19.75 4.65
N HIS A 13 1.19 -18.71 4.45
CA HIS A 13 -0.11 -18.56 5.08
C HIS A 13 -1.08 -17.92 4.09
N SER A 14 -1.86 -18.77 3.42
CA SER A 14 -2.84 -18.34 2.40
C SER A 14 -4.16 -17.99 3.07
N ASP A 15 -4.37 -16.70 3.31
CA ASP A 15 -5.45 -16.24 4.20
C ASP A 15 -6.82 -16.16 3.51
N GLN A 16 -7.81 -16.83 4.09
CA GLN A 16 -9.12 -16.93 3.47
C GLN A 16 -9.89 -15.61 3.52
N ARG A 17 -9.41 -14.67 4.33
CA ARG A 17 -10.08 -13.39 4.45
C ARG A 17 -9.75 -12.48 3.26
N LEU A 18 -8.74 -12.87 2.48
CA LEU A 18 -8.33 -12.07 1.32
C LEU A 18 -9.33 -12.24 0.18
N ALA A 19 -9.40 -11.26 -0.72
CA ALA A 19 -10.17 -11.43 -1.95
C ALA A 19 -9.55 -12.58 -2.72
N PRO A 20 -10.39 -13.42 -3.35
CA PRO A 20 -9.90 -14.61 -4.04
C PRO A 20 -8.81 -14.29 -5.05
N GLU A 21 -8.97 -13.20 -5.80
CA GLU A 21 -7.95 -12.81 -6.77
C GLU A 21 -6.60 -12.53 -6.12
N ILE A 22 -6.66 -11.99 -4.91
CA ILE A 22 -5.45 -11.65 -4.16
C ILE A 22 -4.84 -12.89 -3.54
N ARG A 23 -5.68 -13.80 -3.04
CA ARG A 23 -5.18 -15.04 -2.50
C ARG A 23 -4.47 -15.85 -3.61
N ASP A 24 -5.01 -15.78 -4.83
CA ASP A 24 -4.42 -16.50 -5.98
C ASP A 24 -3.05 -15.95 -6.36
N LEU A 25 -2.96 -14.63 -6.44
CA LEU A 25 -1.68 -13.98 -6.67
C LEU A 25 -0.69 -14.32 -5.55
N TYR A 26 -1.17 -14.30 -4.31
CA TYR A 26 -0.34 -14.67 -3.17
C TYR A 26 0.29 -16.05 -3.36
N ASP A 27 -0.53 -17.00 -3.80
CA ASP A 27 -0.08 -18.39 -3.94
C ASP A 27 1.00 -18.50 -5.00
N CYS A 28 0.83 -17.76 -6.10
CA CYS A 28 1.80 -17.72 -7.20
C CYS A 28 3.10 -17.08 -6.77
N LEU A 29 3.00 -15.98 -6.03
CA LEU A 29 4.18 -15.28 -5.54
C LEU A 29 4.97 -16.12 -4.57
N TYR A 30 4.28 -16.85 -3.70
CA TYR A 30 4.96 -17.69 -2.73
C TYR A 30 5.74 -18.78 -3.44
N LYS A 31 5.15 -19.35 -4.49
CA LYS A 31 5.82 -20.36 -5.30
C LYS A 31 7.10 -19.81 -5.94
N LEU A 32 7.01 -18.62 -6.52
CA LEU A 32 8.18 -17.96 -7.09
C LEU A 32 9.24 -17.77 -6.01
N TYR A 33 8.80 -17.33 -4.84
CA TYR A 33 9.69 -17.01 -3.72
C TYR A 33 10.40 -18.23 -3.15
N ALA A 34 9.65 -19.31 -3.00
CA ALA A 34 10.14 -20.47 -2.26
C ALA A 34 10.65 -21.57 -3.17
N GLU A 35 10.20 -21.61 -4.42
CA GLU A 35 10.46 -22.80 -5.22
C GLU A 35 11.30 -22.61 -6.49
N GLU A 36 11.40 -21.37 -7.00
CA GLU A 36 12.11 -21.11 -8.25
C GLU A 36 13.50 -20.55 -7.98
N SER A 37 14.54 -21.24 -8.44
CA SER A 37 15.90 -20.82 -8.13
C SER A 37 16.28 -19.50 -8.77
N ALA A 38 15.64 -19.15 -9.87
CA ALA A 38 15.92 -17.85 -10.50
C ALA A 38 15.47 -16.67 -9.63
N SER A 39 14.68 -16.93 -8.59
CA SER A 39 14.22 -15.84 -7.74
C SER A 39 15.22 -15.47 -6.63
N GLU A 40 16.33 -16.19 -6.55
CA GLU A 40 17.28 -16.09 -5.45
C GLU A 40 17.54 -14.67 -4.95
N TYR A 41 17.97 -13.79 -5.85
CA TYR A 41 18.38 -12.46 -5.45
C TYR A 41 17.21 -11.51 -5.20
N PHE A 42 15.99 -12.00 -5.41
CA PHE A 42 14.81 -11.14 -5.28
C PHE A 42 13.89 -11.54 -4.15
N ARG A 43 14.29 -12.57 -3.41
CA ARG A 43 13.50 -13.09 -2.30
C ARG A 43 13.45 -12.15 -1.11
N GLU A 44 14.63 -11.77 -0.59
CA GLU A 44 14.73 -10.98 0.64
C GLU A 44 15.27 -9.57 0.39
N PRO A 45 14.87 -8.58 1.23
CA PRO A 45 15.45 -7.25 1.04
C PRO A 45 16.94 -7.31 1.28
N VAL A 46 17.71 -6.51 0.55
CA VAL A 46 19.15 -6.53 0.70
C VAL A 46 19.62 -5.51 1.72
N ASP A 47 20.56 -5.90 2.56
CA ASP A 47 21.27 -4.98 3.44
C ASP A 47 22.38 -4.38 2.58
N ALA A 48 22.05 -3.33 1.83
CA ALA A 48 22.96 -2.83 0.79
C ALA A 48 24.33 -2.43 1.33
N LEU A 49 24.36 -1.79 2.49
CA LEU A 49 25.63 -1.32 3.03
C LEU A 49 26.48 -2.51 3.48
N ARG A 50 25.84 -3.52 4.07
CA ARG A 50 26.56 -4.71 4.48
C ARG A 50 27.20 -5.47 3.31
N VAL A 51 26.52 -5.53 2.17
CA VAL A 51 27.11 -6.24 1.01
C VAL A 51 27.90 -5.31 0.09
N GLY A 52 28.19 -4.10 0.57
CA GLY A 52 29.01 -3.19 -0.21
C GLY A 52 28.37 -2.66 -1.49
N ALA A 53 27.04 -2.58 -1.53
CA ALA A 53 26.38 -1.86 -2.62
C ALA A 53 26.12 -0.44 -2.14
N TRP A 54 27.19 0.33 -2.01
CA TRP A 54 27.16 1.57 -1.22
C TRP A 54 26.12 2.61 -1.66
N ASN A 55 25.85 2.72 -2.95
CA ASN A 55 24.98 3.77 -3.45
C ASN A 55 23.55 3.27 -3.72
N TYR A 56 23.23 2.07 -3.25
CA TYR A 56 21.96 1.44 -3.62
C TYR A 56 20.75 2.29 -3.25
N TYR A 57 20.74 2.86 -2.05
CA TYR A 57 19.54 3.55 -1.57
C TYR A 57 19.31 4.92 -2.22
N SER A 58 20.31 5.42 -2.93
CA SER A 58 20.19 6.68 -3.65
CA SER A 58 20.17 6.69 -3.64
C SER A 58 19.76 6.43 -5.09
N VAL A 59 20.20 5.30 -5.64
CA VAL A 59 19.80 4.89 -6.97
C VAL A 59 18.37 4.34 -6.93
N ILE A 60 18.08 3.55 -5.91
CA ILE A 60 16.79 2.90 -5.78
C ILE A 60 16.00 3.51 -4.62
N THR A 61 15.07 4.40 -4.96
CA THR A 61 14.35 5.16 -3.95
C THR A 61 13.22 4.37 -3.33
N GLU A 62 12.73 3.36 -4.04
CA GLU A 62 11.69 2.46 -3.52
C GLU A 62 12.13 1.00 -3.60
N PRO A 63 12.91 0.54 -2.61
CA PRO A 63 13.36 -0.87 -2.64
C PRO A 63 12.18 -1.82 -2.50
N MET A 64 12.32 -3.03 -3.00
CA MET A 64 11.21 -3.97 -2.95
C MET A 64 11.78 -5.38 -3.15
N SER A 65 11.13 -6.36 -2.53
CA SER A 65 11.50 -7.77 -2.70
C SER A 65 10.24 -8.60 -2.57
N LEU A 66 10.34 -9.87 -2.92
CA LEU A 66 9.19 -10.76 -2.78
C LEU A 66 8.74 -10.87 -1.33
N ARG A 67 9.71 -11.00 -0.42
CA ARG A 67 9.45 -11.03 1.03
C ARG A 67 8.57 -9.88 1.45
N THR A 68 8.93 -8.68 1.00
CA THR A 68 8.23 -7.47 1.42
C THR A 68 6.76 -7.55 0.97
N VAL A 69 6.57 -7.92 -0.28
CA VAL A 69 5.23 -8.06 -0.85
C VAL A 69 4.41 -9.14 -0.13
N LEU A 70 5.00 -10.31 0.05
CA LEU A 70 4.32 -11.41 0.71
C LEU A 70 3.89 -11.02 2.13
N ASP A 71 4.78 -10.38 2.87
CA ASP A 71 4.44 -9.95 4.22
C ASP A 71 3.33 -8.90 4.21
N TYR A 72 3.38 -7.97 3.27
CA TYR A 72 2.33 -6.95 3.14
C TYR A 72 0.97 -7.60 2.92
N ILE A 73 0.95 -8.62 2.08
CA ILE A 73 -0.28 -9.32 1.77
C ILE A 73 -0.85 -9.96 3.02
N VAL A 74 0.00 -10.60 3.80
CA VAL A 74 -0.48 -11.35 4.96
C VAL A 74 -0.83 -10.38 6.10
N GLN A 75 -0.09 -9.28 6.20
CA GLN A 75 -0.31 -8.31 7.30
C GLN A 75 -1.55 -7.41 7.10
N GLY A 76 -1.95 -7.22 5.85
CA GLY A 76 -3.12 -6.43 5.53
C GLY A 76 -2.85 -4.93 5.60
N GLY A 77 -3.79 -4.16 5.07
CA GLY A 77 -3.75 -2.72 5.19
C GLY A 77 -2.97 -2.01 4.10
N ARG A 78 -2.45 -2.78 3.13
CA ARG A 78 -1.69 -2.14 2.06
C ARG A 78 -2.36 -2.33 0.72
N TYR A 79 -2.76 -3.58 0.44
CA TYR A 79 -3.30 -3.94 -0.86
C TYR A 79 -4.80 -4.14 -0.84
N SER A 80 -5.50 -3.45 -1.73
CA SER A 80 -6.94 -3.72 -1.93
C SER A 80 -7.21 -4.31 -3.30
N HIS A 81 -6.25 -4.18 -4.22
CA HIS A 81 -6.46 -4.62 -5.60
C HIS A 81 -5.22 -5.34 -6.10
N VAL A 82 -5.39 -6.36 -6.94
CA VAL A 82 -4.22 -7.04 -7.50
C VAL A 82 -3.27 -6.10 -8.22
N GLU A 83 -3.79 -5.07 -8.87
CA GLU A 83 -2.93 -4.19 -9.67
C GLU A 83 -1.92 -3.47 -8.77
N GLN A 84 -2.28 -3.28 -7.51
CA GLN A 84 -1.40 -2.65 -6.54
C GLN A 84 -0.23 -3.58 -6.22
N ILE A 85 -0.56 -4.84 -6.01
CA ILE A 85 0.45 -5.86 -5.73
C ILE A 85 1.40 -5.95 -6.91
N MET A 86 0.85 -6.03 -8.12
CA MET A 86 1.67 -6.16 -9.30
C MET A 86 2.54 -4.93 -9.51
N ASN A 87 2.05 -3.77 -9.05
CA ASN A 87 2.85 -2.56 -9.15
C ASN A 87 4.12 -2.67 -8.32
N ASP A 88 4.00 -3.20 -7.10
CA ASP A 88 5.16 -3.43 -6.25
C ASP A 88 6.05 -4.55 -6.79
N VAL A 89 5.43 -5.61 -7.32
CA VAL A 89 6.23 -6.71 -7.88
C VAL A 89 7.06 -6.19 -9.07
N GLU A 90 6.46 -5.38 -9.92
CA GLU A 90 7.18 -4.84 -11.08
C GLU A 90 8.38 -4.00 -10.65
N LEU A 91 8.25 -3.34 -9.50
CA LEU A 91 9.36 -2.59 -8.92
C LEU A 91 10.58 -3.45 -8.69
N ILE A 92 10.35 -4.68 -8.23
CA ILE A 92 11.46 -5.59 -7.97
C ILE A 92 12.32 -5.74 -9.23
N TRP A 93 11.66 -6.06 -10.34
CA TRP A 93 12.39 -6.27 -11.58
C TRP A 93 12.99 -4.96 -12.11
N LYS A 94 12.21 -3.88 -12.09
CA LYS A 94 12.70 -2.60 -12.59
C LYS A 94 13.90 -2.13 -11.78
N ASN A 95 13.80 -2.19 -10.45
CA ASN A 95 14.95 -1.83 -9.59
C ASN A 95 16.19 -2.60 -10.01
N CYS A 96 16.03 -3.91 -10.23
CA CYS A 96 17.14 -4.74 -10.67
C CYS A 96 17.78 -4.26 -11.96
N GLU A 97 16.97 -3.96 -12.98
CA GLU A 97 17.51 -3.50 -14.25
C GLU A 97 18.17 -2.12 -14.10
N ARG A 98 17.59 -1.29 -13.24
CA ARG A 98 18.10 0.06 -13.02
C ARG A 98 19.48 0.01 -12.38
N TYR A 99 19.64 -0.79 -11.34
CA TYR A 99 20.90 -0.85 -10.60
C TYR A 99 21.97 -1.76 -11.23
N ASN A 100 21.56 -2.91 -11.75
CA ASN A 100 22.53 -3.86 -12.27
C ASN A 100 22.69 -3.81 -13.78
N GLY A 101 21.84 -3.04 -14.46
CA GLY A 101 21.89 -2.99 -15.91
C GLY A 101 21.12 -4.12 -16.55
N ALA A 102 20.48 -3.82 -17.68
CA ALA A 102 19.66 -4.80 -18.38
C ALA A 102 20.49 -5.98 -18.92
N GLU A 103 21.79 -5.78 -19.09
CA GLU A 103 22.62 -6.84 -19.66
C GLU A 103 23.18 -7.81 -18.61
N SER A 104 22.94 -7.52 -17.33
CA SER A 104 23.43 -8.39 -16.25
C SER A 104 22.67 -9.72 -16.22
N HIS A 105 23.24 -10.73 -15.57
CA HIS A 105 22.51 -11.99 -15.47
C HIS A 105 21.49 -11.90 -14.35
N LEU A 106 21.70 -10.97 -13.43
CA LEU A 106 20.67 -10.67 -12.44
C LEU A 106 19.40 -10.15 -13.12
N ALA A 107 19.58 -9.20 -14.03
CA ALA A 107 18.43 -8.70 -14.79
C ALA A 107 17.80 -9.80 -15.63
N ALA A 108 18.61 -10.72 -16.16
CA ALA A 108 18.08 -11.84 -16.92
C ALA A 108 17.18 -12.71 -16.03
N ASP A 109 17.58 -12.91 -14.78
CA ASP A 109 16.76 -13.72 -13.90
C ASP A 109 15.53 -12.95 -13.42
N ALA A 110 15.64 -11.63 -13.31
CA ALA A 110 14.46 -10.82 -12.99
C ALA A 110 13.43 -11.00 -14.09
N ARG A 111 13.88 -10.90 -15.34
CA ARG A 111 12.97 -11.03 -16.47
C ARG A 111 12.38 -12.44 -16.53
N ARG A 112 13.17 -13.43 -16.16
CA ARG A 112 12.68 -14.80 -16.10
C ARG A 112 11.58 -14.95 -15.05
N CYS A 113 11.81 -14.36 -13.87
CA CYS A 113 10.82 -14.42 -12.79
C CYS A 113 9.53 -13.75 -13.18
N ARG A 114 9.65 -12.61 -13.87
CA ARG A 114 8.49 -11.87 -14.35
C ARG A 114 7.65 -12.74 -15.30
N ALA A 115 8.32 -13.44 -16.21
CA ALA A 115 7.63 -14.27 -17.18
C ALA A 115 7.02 -15.50 -16.52
N ILE A 116 7.76 -16.10 -15.57
CA ILE A 116 7.27 -17.26 -14.84
C ILE A 116 6.00 -16.95 -14.03
N LEU A 117 6.03 -15.80 -13.34
CA LEU A 117 4.88 -15.35 -12.58
C LEU A 117 3.67 -15.24 -13.50
N GLU A 118 3.87 -14.63 -14.67
CA GLU A 118 2.78 -14.46 -15.63
C GLU A 118 2.15 -15.82 -15.96
N LYS A 119 3.00 -16.82 -16.17
CA LYS A 119 2.53 -18.16 -16.50
C LYS A 119 1.81 -18.85 -15.33
N HIS A 120 2.29 -18.65 -14.11
CA HIS A 120 1.63 -19.18 -12.91
C HIS A 120 0.20 -18.67 -12.87
N ARG A 121 0.06 -17.37 -13.07
CA ARG A 121 -1.23 -16.71 -13.02
C ARG A 121 -2.17 -17.23 -14.11
N GLU A 122 -1.68 -17.31 -15.36
CA GLU A 122 -2.48 -17.82 -16.46
C GLU A 122 -2.91 -19.27 -16.24
N ARG A 123 -2.02 -20.09 -15.68
CA ARG A 123 -2.33 -21.48 -15.36
C ARG A 123 -3.47 -21.62 -14.35
N LEU A 124 -3.37 -20.89 -13.23
CA LEU A 124 -4.38 -20.93 -12.18
C LEU A 124 -5.70 -20.36 -12.69
N ALA A 125 -5.61 -19.53 -13.73
CA ALA A 125 -6.81 -19.00 -14.38
C ALA A 125 -7.52 -20.09 -15.20
N ASP A 126 -7.06 -21.33 -15.04
CA ASP A 126 -7.70 -22.49 -15.66
C ASP A 126 -7.73 -23.68 -14.69
N ASN B 8 7.35 7.59 6.28
CA ASN B 8 7.30 9.02 5.99
C ASN B 8 5.88 9.58 6.12
N LYS B 9 5.71 10.86 5.83
CA LYS B 9 4.37 11.46 5.83
C LYS B 9 4.04 11.96 4.43
N HIS B 10 2.74 12.08 4.12
CA HIS B 10 2.31 12.59 2.82
C HIS B 10 2.81 14.01 2.59
N VAL B 11 3.49 14.22 1.46
CA VAL B 11 3.98 15.55 1.12
C VAL B 11 2.92 16.29 0.33
N PHE B 12 2.64 17.53 0.73
CA PHE B 12 1.67 18.35 0.01
C PHE B 12 2.12 18.55 -1.43
N HIS B 13 1.32 18.06 -2.36
CA HIS B 13 1.65 18.14 -3.76
C HIS B 13 0.40 18.44 -4.57
N SER B 14 0.17 19.72 -4.81
CA SER B 14 -0.91 20.11 -5.69
C SER B 14 -0.37 20.37 -7.09
N ASP B 15 -0.76 19.51 -8.02
CA ASP B 15 -0.39 19.68 -9.41
C ASP B 15 -1.16 20.86 -9.98
N GLN B 16 -0.48 21.72 -10.73
CA GLN B 16 -1.15 22.83 -11.40
C GLN B 16 -2.20 22.38 -12.42
N ARG B 17 -2.29 21.07 -12.66
CA ARG B 17 -3.19 20.54 -13.70
C ARG B 17 -4.33 19.67 -13.15
N LEU B 18 -4.63 19.83 -11.86
CA LEU B 18 -5.71 19.05 -11.25
C LEU B 18 -7.06 19.77 -11.36
N ALA B 19 -8.14 19.00 -11.39
CA ALA B 19 -9.49 19.57 -11.43
C ALA B 19 -9.79 20.39 -10.19
N PRO B 20 -10.31 21.61 -10.39
CA PRO B 20 -10.54 22.61 -9.33
C PRO B 20 -11.24 22.06 -8.08
N GLU B 21 -12.38 21.40 -8.27
CA GLU B 21 -13.13 20.87 -7.14
C GLU B 21 -12.30 19.85 -6.35
N ILE B 22 -11.54 19.04 -7.08
CA ILE B 22 -10.68 18.04 -6.47
C ILE B 22 -9.47 18.70 -5.80
N ARG B 23 -8.86 19.66 -6.50
CA ARG B 23 -7.78 20.45 -5.92
C ARG B 23 -8.25 21.11 -4.61
N ASP B 24 -9.50 21.52 -4.58
CA ASP B 24 -10.03 22.19 -3.39
C ASP B 24 -10.18 21.22 -2.22
N LEU B 25 -10.80 20.07 -2.49
CA LEU B 25 -11.01 19.05 -1.47
C LEU B 25 -9.68 18.49 -0.99
N TYR B 26 -8.71 18.37 -1.89
CA TYR B 26 -7.36 17.92 -1.54
C TYR B 26 -6.71 18.87 -0.55
N ASP B 27 -6.83 20.17 -0.78
CA ASP B 27 -6.30 21.17 0.15
C ASP B 27 -6.90 20.99 1.54
N CYS B 28 -8.22 20.82 1.58
CA CYS B 28 -8.94 20.67 2.84
C CYS B 28 -8.57 19.37 3.56
N LEU B 29 -8.53 18.27 2.81
CA LEU B 29 -8.10 16.99 3.36
C LEU B 29 -6.69 17.07 3.91
N TYR B 30 -5.79 17.76 3.20
CA TYR B 30 -4.41 17.87 3.68
C TYR B 30 -4.37 18.65 4.99
N LYS B 31 -5.16 19.72 5.08
CA LYS B 31 -5.23 20.49 6.32
C LYS B 31 -5.71 19.61 7.47
N LEU B 32 -6.76 18.83 7.23
CA LEU B 32 -7.24 17.90 8.25
C LEU B 32 -6.11 16.98 8.68
N TYR B 33 -5.47 16.34 7.69
CA TYR B 33 -4.35 15.41 7.89
C TYR B 33 -3.16 15.98 8.66
N ALA B 34 -2.67 17.15 8.24
CA ALA B 34 -1.41 17.67 8.76
C ALA B 34 -1.56 18.61 9.94
N GLU B 35 -2.73 19.25 10.10
CA GLU B 35 -2.84 20.39 11.00
C GLU B 35 -3.82 20.24 12.19
N GLU B 36 -4.82 19.37 12.07
CA GLU B 36 -5.87 19.27 13.08
C GLU B 36 -5.58 18.15 14.07
N SER B 37 -5.67 18.44 15.36
CA SER B 37 -5.46 17.41 16.37
C SER B 37 -6.43 16.25 16.24
N ALA B 38 -7.67 16.55 15.83
CA ALA B 38 -8.71 15.53 15.78
C ALA B 38 -8.41 14.39 14.79
N SER B 39 -7.49 14.62 13.85
CA SER B 39 -7.27 13.63 12.78
C SER B 39 -6.25 12.55 13.15
N GLU B 40 -5.62 12.70 14.32
CA GLU B 40 -4.49 11.88 14.71
C GLU B 40 -4.65 10.39 14.42
N TYR B 41 -5.73 9.79 14.87
CA TYR B 41 -5.83 8.34 14.70
C TYR B 41 -6.32 7.92 13.33
N PHE B 42 -6.53 8.89 12.45
CA PHE B 42 -7.07 8.60 11.12
C PHE B 42 -6.13 8.97 9.98
N ARG B 43 -4.95 9.45 10.36
CA ARG B 43 -3.94 9.87 9.38
C ARG B 43 -3.34 8.72 8.56
N GLU B 44 -2.88 7.67 9.21
CA GLU B 44 -2.06 6.64 8.54
C GLU B 44 -2.73 5.28 8.63
N PRO B 45 -2.47 4.40 7.64
CA PRO B 45 -3.07 3.07 7.72
C PRO B 45 -2.66 2.34 9.00
N VAL B 46 -3.57 1.52 9.50
CA VAL B 46 -3.37 0.80 10.74
C VAL B 46 -2.34 -0.31 10.58
N ASP B 47 -1.32 -0.30 11.43
CA ASP B 47 -0.37 -1.41 11.52
C ASP B 47 -0.85 -2.34 12.63
N ALA B 48 -1.57 -3.40 12.24
CA ALA B 48 -2.28 -4.24 13.22
C ALA B 48 -1.37 -4.86 14.28
N LEU B 49 -0.18 -5.32 13.88
CA LEU B 49 0.73 -5.95 14.83
C LEU B 49 1.37 -4.94 15.77
N ARG B 50 1.71 -3.78 15.24
CA ARG B 50 2.31 -2.71 16.04
C ARG B 50 1.34 -2.21 17.12
N VAL B 51 0.07 -2.05 16.78
CA VAL B 51 -0.90 -1.50 17.75
C VAL B 51 -1.63 -2.59 18.56
N GLY B 52 -1.39 -3.84 18.23
CA GLY B 52 -1.99 -4.94 18.96
C GLY B 52 -3.43 -5.25 18.58
N ALA B 53 -3.93 -4.59 17.54
CA ALA B 53 -5.27 -4.87 17.04
C ALA B 53 -5.22 -6.04 16.05
N TRP B 54 -4.95 -7.23 16.59
CA TRP B 54 -4.72 -8.43 15.79
C TRP B 54 -5.84 -8.76 14.82
N ASN B 55 -7.07 -8.41 15.18
CA ASN B 55 -8.24 -8.76 14.37
C ASN B 55 -8.72 -7.64 13.44
N TYR B 56 -7.95 -6.55 13.35
CA TYR B 56 -8.46 -5.36 12.68
C TYR B 56 -8.80 -5.63 11.21
N TYR B 57 -7.92 -6.33 10.51
CA TYR B 57 -8.15 -6.49 9.07
C TYR B 57 -9.02 -7.71 8.74
N SER B 58 -9.56 -8.34 9.79
CA SER B 58 -10.62 -9.34 9.60
C SER B 58 -11.97 -8.65 9.78
N VAL B 59 -12.00 -7.67 10.67
CA VAL B 59 -13.22 -6.89 10.93
C VAL B 59 -13.44 -5.83 9.86
N ILE B 60 -12.37 -5.13 9.51
CA ILE B 60 -12.42 -4.08 8.52
C ILE B 60 -11.92 -4.60 7.17
N THR B 61 -12.85 -4.85 6.25
CA THR B 61 -12.51 -5.47 4.97
C THR B 61 -12.13 -4.45 3.90
N GLU B 62 -12.51 -3.20 4.12
CA GLU B 62 -12.17 -2.13 3.20
C GLU B 62 -11.52 -0.99 3.99
N PRO B 63 -10.23 -1.15 4.34
CA PRO B 63 -9.54 -0.17 5.18
C PRO B 63 -9.39 1.15 4.46
N MET B 64 -9.23 2.23 5.22
CA MET B 64 -9.03 3.53 4.64
C MET B 64 -8.39 4.42 5.68
N SER B 65 -7.56 5.36 5.22
CA SER B 65 -7.02 6.42 6.06
C SER B 65 -6.89 7.69 5.23
N LEU B 66 -6.63 8.81 5.88
CA LEU B 66 -6.45 10.08 5.16
C LEU B 66 -5.28 9.98 4.19
N ARG B 67 -4.18 9.41 4.67
CA ARG B 67 -3.00 9.13 3.85
C ARG B 67 -3.37 8.41 2.56
N THR B 68 -4.20 7.38 2.67
CA THR B 68 -4.58 6.56 1.52
C THR B 68 -5.30 7.41 0.49
N VAL B 69 -6.24 8.23 0.96
CA VAL B 69 -7.01 9.11 0.07
C VAL B 69 -6.11 10.19 -0.56
N LEU B 70 -5.25 10.81 0.23
CA LEU B 70 -4.34 11.83 -0.30
C LEU B 70 -3.42 11.25 -1.36
N ASP B 71 -2.85 10.09 -1.08
CA ASP B 71 -1.97 9.42 -2.06
C ASP B 71 -2.72 9.03 -3.33
N TYR B 72 -3.96 8.56 -3.20
CA TYR B 72 -4.79 8.26 -4.36
C TYR B 72 -5.03 9.50 -5.22
N ILE B 73 -5.26 10.63 -4.55
CA ILE B 73 -5.47 11.89 -5.26
C ILE B 73 -4.22 12.32 -6.04
N VAL B 74 -3.06 12.28 -5.40
CA VAL B 74 -1.83 12.71 -6.05
C VAL B 74 -1.43 11.73 -7.16
N GLN B 75 -1.52 10.43 -6.87
CA GLN B 75 -1.20 9.39 -7.86
C GLN B 75 -2.09 9.50 -9.10
N GLY B 76 -3.37 9.82 -8.87
CA GLY B 76 -4.33 9.94 -9.96
C GLY B 76 -4.75 8.59 -10.47
N GLY B 77 -5.89 8.53 -11.14
CA GLY B 77 -6.34 7.30 -11.77
C GLY B 77 -7.37 6.52 -10.97
N ARG B 78 -7.82 7.09 -9.86
CA ARG B 78 -8.90 6.46 -9.10
C ARG B 78 -10.13 7.36 -9.07
N TYR B 79 -9.91 8.65 -8.89
CA TYR B 79 -11.00 9.60 -8.65
C TYR B 79 -11.34 10.49 -9.84
N SER B 80 -12.62 10.51 -10.22
CA SER B 80 -13.10 11.40 -11.26
C SER B 80 -13.90 12.56 -10.64
N HIS B 81 -14.83 12.19 -9.76
CA HIS B 81 -15.69 13.16 -9.09
C HIS B 81 -15.32 13.29 -7.62
N VAL B 82 -15.65 14.41 -6.99
CA VAL B 82 -15.35 14.56 -5.58
C VAL B 82 -16.26 13.68 -4.75
N GLU B 83 -17.32 13.17 -5.37
CA GLU B 83 -18.25 12.29 -4.68
C GLU B 83 -17.56 10.99 -4.27
N GLN B 84 -16.66 10.52 -5.13
CA GLN B 84 -15.95 9.27 -4.88
C GLN B 84 -14.98 9.45 -3.71
N ILE B 85 -14.31 10.59 -3.69
CA ILE B 85 -13.37 10.94 -2.63
C ILE B 85 -14.06 10.97 -1.28
N MET B 86 -15.24 11.58 -1.24
CA MET B 86 -15.99 11.67 0.01
C MET B 86 -16.52 10.32 0.47
N ASN B 87 -16.81 9.43 -0.46
CA ASN B 87 -17.23 8.08 -0.09
C ASN B 87 -16.09 7.34 0.60
N ASP B 88 -14.89 7.45 0.03
CA ASP B 88 -13.68 6.91 0.65
C ASP B 88 -13.45 7.53 2.04
N VAL B 89 -13.59 8.85 2.13
CA VAL B 89 -13.40 9.54 3.41
C VAL B 89 -14.40 9.04 4.44
N GLU B 90 -15.67 8.91 4.06
CA GLU B 90 -16.68 8.44 5.00
C GLU B 90 -16.36 7.05 5.47
N LEU B 91 -15.72 6.27 4.59
CA LEU B 91 -15.30 4.92 4.94
C LEU B 91 -14.36 4.92 6.14
N ILE B 92 -13.48 5.91 6.22
CA ILE B 92 -12.63 6.06 7.41
C ILE B 92 -13.49 6.11 8.69
N TRP B 93 -14.47 7.01 8.69
CA TRP B 93 -15.31 7.16 9.87
C TRP B 93 -16.15 5.91 10.09
N LYS B 94 -16.70 5.34 9.02
CA LYS B 94 -17.55 4.16 9.18
C LYS B 94 -16.75 2.97 9.67
N ASN B 95 -15.52 2.80 9.17
CA ASN B 95 -14.63 1.76 9.69
C ASN B 95 -14.36 1.95 11.18
N CYS B 96 -14.08 3.18 11.58
CA CYS B 96 -13.85 3.49 12.98
C CYS B 96 -15.04 3.09 13.84
N GLU B 97 -16.23 3.44 13.39
CA GLU B 97 -17.46 3.11 14.11
C GLU B 97 -17.67 1.61 14.17
N ARG B 98 -17.40 0.91 13.07
CA ARG B 98 -17.59 -0.52 13.00
C ARG B 98 -16.64 -1.27 13.93
N TYR B 99 -15.36 -0.89 13.94
CA TYR B 99 -14.41 -1.62 14.77
C TYR B 99 -14.53 -1.23 16.24
N ASN B 100 -14.69 0.08 16.51
CA ASN B 100 -14.67 0.56 17.88
C ASN B 100 -16.04 0.74 18.54
N GLY B 101 -17.09 0.84 17.72
CA GLY B 101 -18.43 1.12 18.25
C GLY B 101 -18.73 2.62 18.32
N ALA B 102 -19.99 2.98 18.17
CA ALA B 102 -20.39 4.38 18.07
C ALA B 102 -20.14 5.19 19.35
N GLU B 103 -20.18 4.53 20.50
CA GLU B 103 -20.01 5.26 21.76
C GLU B 103 -18.54 5.42 22.14
N SER B 104 -17.65 4.92 21.29
CA SER B 104 -16.21 5.00 21.54
C SER B 104 -15.67 6.42 21.41
N HIS B 105 -14.56 6.69 22.09
CA HIS B 105 -13.94 8.00 22.01
C HIS B 105 -13.33 8.23 20.64
N LEU B 106 -12.94 7.15 19.97
CA LEU B 106 -12.40 7.29 18.63
C LEU B 106 -13.52 7.69 17.67
N ALA B 107 -14.70 7.11 17.87
CA ALA B 107 -15.84 7.46 17.05
C ALA B 107 -16.22 8.92 17.23
N ALA B 108 -15.99 9.46 18.43
CA ALA B 108 -16.21 10.89 18.69
C ALA B 108 -15.23 11.76 17.90
N ASP B 109 -13.96 11.37 17.88
CA ASP B 109 -12.95 12.06 17.07
C ASP B 109 -13.30 12.02 15.56
N ALA B 110 -13.85 10.91 15.09
CA ALA B 110 -14.27 10.82 13.69
C ALA B 110 -15.39 11.82 13.38
N ARG B 111 -16.36 11.94 14.29
CA ARG B 111 -17.45 12.89 14.10
C ARG B 111 -16.89 14.31 14.02
N ARG B 112 -15.92 14.59 14.88
CA ARG B 112 -15.22 15.87 14.87
C ARG B 112 -14.55 16.17 13.53
N CYS B 113 -13.82 15.19 13.00
CA CYS B 113 -13.16 15.33 11.70
C CYS B 113 -14.17 15.54 10.59
N ARG B 114 -15.26 14.77 10.64
CA ARG B 114 -16.34 14.95 9.67
C ARG B 114 -16.85 16.40 9.71
N ALA B 115 -17.00 16.92 10.92
CA ALA B 115 -17.50 18.30 11.09
C ALA B 115 -16.48 19.32 10.58
N ILE B 116 -15.20 19.07 10.81
CA ILE B 116 -14.14 19.99 10.40
C ILE B 116 -14.13 20.07 8.89
N LEU B 117 -14.28 18.91 8.26
CA LEU B 117 -14.29 18.83 6.82
C LEU B 117 -15.54 19.50 6.24
N GLU B 118 -16.68 19.34 6.91
CA GLU B 118 -17.91 20.00 6.46
C GLU B 118 -17.72 21.52 6.49
N LYS B 119 -17.09 22.03 7.54
CA LYS B 119 -16.83 23.47 7.68
C LYS B 119 -15.94 24.02 6.57
N HIS B 120 -14.94 23.25 6.17
CA HIS B 120 -14.08 23.63 5.05
C HIS B 120 -14.87 23.74 3.76
N ARG B 121 -15.80 22.82 3.55
CA ARG B 121 -16.71 22.90 2.42
C ARG B 121 -17.53 24.20 2.46
N GLU B 122 -17.96 24.60 3.65
CA GLU B 122 -18.72 25.84 3.80
C GLU B 122 -17.86 27.04 3.44
N ARG B 123 -16.61 27.04 3.92
CA ARG B 123 -15.69 28.15 3.68
C ARG B 123 -15.48 28.39 2.19
N LEU B 124 -15.52 27.32 1.39
CA LEU B 124 -15.39 27.45 -0.05
C LEU B 124 -16.66 27.98 -0.71
N ALA B 125 -17.79 27.33 -0.44
N1 R78 C . 20.36 -9.33 -2.75
N3 R78 C . 22.61 -7.18 -5.52
C4 R78 C . 19.78 -8.53 -3.64
C5 R78 C . 22.03 -5.88 -6.04
C6 R78 C . 20.56 -6.14 -6.31
C7 R78 C . 23.54 -10.42 -1.50
C8 R78 C . 24.09 -7.34 -5.67
C10 R78 C . 21.76 -4.72 -3.74
C15 R78 C . 24.94 -6.75 -4.48
C17 R78 C . 25.10 -11.27 0.15
C20 R78 C . 24.67 -9.90 -2.15
C21 R78 C . 27.58 -10.93 0.01
C22 R78 C . 30.05 -10.40 -0.01
C24 R78 C . 32.50 -10.05 -0.34
C28 R78 C . 31.62 -9.49 1.88
O2 R78 C . 27.76 -11.67 0.97
N6 R78 C . 28.68 -10.30 -0.51
C29 R78 C . 30.21 -9.57 1.32
N7 R78 C . 32.64 -9.18 0.83
C30 R78 C . 33.97 -9.51 1.42
C23 R78 C . 31.10 -9.88 -0.98
C18 R78 C . 26.22 -10.76 -0.51
C16 R78 C . 23.80 -11.13 -0.33
O3 R78 C . 22.70 -11.62 0.33
C31 R78 C . 22.93 -12.29 1.55
C19 R78 C . 25.96 -10.06 -1.67
N5 R78 C . 22.23 -10.26 -1.96
C1 R78 C . 21.69 -9.30 -2.73
N2 R78 C . 22.47 -8.75 -3.73
C2 R78 C . 21.90 -7.86 -4.55
C14 R78 C . 26.40 -6.94 -4.85
C12 R78 C . 24.65 -6.77 -6.99
C9 R78 C . 22.21 -4.59 -5.20
O1 R78 C . 19.94 -5.52 -7.20
N4 R78 C . 19.83 -7.05 -5.55
C11 R78 C . 18.41 -7.29 -5.79
C3 R78 C . 20.47 -7.75 -4.55
UNK UNX D . 2.60 -23.78 -1.61
UNK UNX E . 15.60 -4.71 -1.13
UNK UNX F . 19.34 -21.11 -11.03
UNK UNX G . 20.41 -14.77 -10.10
UNK UNX H . 16.75 -2.82 0.88
UNK UNX I . 7.77 -22.70 -13.64
UNK UNX J . -13.97 -13.53 3.91
UNK UNX K . -0.13 -20.90 -8.28
UNK UNX L . 14.74 4.69 -8.04
UNK UNX M . 24.68 -11.02 -12.84
UNK UNX N . 9.11 -4.21 -14.17
N1 R78 O . -4.28 4.15 14.57
N3 R78 O . -7.02 2.17 17.02
C4 R78 O . -5.50 3.82 14.15
C5 R78 O . -8.19 1.47 16.36
C6 R78 O . -8.66 2.31 15.21
C7 R78 O . -1.95 3.57 17.30
C8 R78 O . -6.59 1.64 18.38
C10 R78 O . -6.78 -0.10 14.91
C13 R78 O . -6.95 0.32 20.35
C15 R78 O . -5.55 0.44 18.34
C17 R78 O . 0.27 3.13 18.23
C20 R78 O . -2.45 2.94 18.44
C21 R78 O . 0.63 1.90 20.40
C22 R78 O . 1.02 0.42 22.43
C24 R78 O . 1.10 -0.87 24.62
C28 R78 O . 2.68 -1.58 22.92
O2 R78 O . 1.82 2.20 20.40
N6 R78 O . 0.19 1.03 21.37
C29 R78 O . 1.96 -0.70 21.87
N7 R78 O . 1.78 -2.03 24.03
C30 R78 O . 2.65 -2.61 25.12
C23 R78 O . 0.18 -0.21 23.56
C18 R78 O . -0.25 2.48 19.36
C16 R78 O . -0.54 3.67 17.22
O3 R78 O . -0.02 4.28 16.11
C31 R78 O . 1.40 4.42 16.03
C19 R78 O . -1.63 2.40 19.44
N5 R78 O . -2.77 4.13 16.26
C1 R78 O . -3.98 3.72 15.80
N2 R78 O . -4.81 2.94 16.59
C2 R78 O . -6.09 2.83 16.23
C14 R78 O . -5.71 -0.27 19.65
C12 R78 O . -7.67 1.19 19.31
C9 R78 O . -7.98 0.01 15.87
O1 R78 O . -9.84 2.20 14.80
N4 R78 O . -7.81 3.19 14.54
C11 R78 O . -8.26 3.99 13.39
C3 R78 O . -6.49 3.30 14.97
UNK UNX P . -14.74 20.75 -1.14
UNK UNX Q . -1.32 -9.08 13.70
#